data_8UVY
#
_entry.id   8UVY
#
_cell.length_a   75.836
_cell.length_b   87.378
_cell.length_c   197.425
_cell.angle_alpha   90.000
_cell.angle_beta   90.000
_cell.angle_gamma   90.000
#
_symmetry.space_group_name_H-M   'C 2 2 21'
#
loop_
_entity.id
_entity.type
_entity.pdbx_description
1 polymer 'RAC-alpha serine/threonine-protein kinase'
2 polymer NB41
3 non-polymer 1,2-ETHANEDIOL
4 non-polymer 4-{2-[({4-[(2P)-2-(2-aminopyridin-3-yl)-5-phenyl-3H-imidazo[4,5-b]pyridin-3-yl]phenyl}methyl)amino]ethyl}-2-hydroxybenzaldehyde
5 non-polymer 'SULFATE ION'
6 non-polymer 'ZINC ION'
7 water water
#
loop_
_entity_poly.entity_id
_entity_poly.type
_entity_poly.pdbx_seq_one_letter_code
_entity_poly.pdbx_strand_id
1 'polypeptide(L)'
;SDVAIVKEGWLHKRGKYIKTWRPRYFLLKNDGTFIGYKERPQDVDQREAPLNNFSVAQCQLMKTERPRPNTFIIRCLQWT
TVIERTFHVETPEEREEWTTAIQTVADGLKKQEEEEMDASAEHTDMEVSLAKPKHRVTMNEFEYLKLLGKGTFGKVILVK
EKATGRYYAMKILKKEVIVAKDEVAHTLTENRVLQNSRHPFLTALKYSFQTHDRLCFVMEYANGGELFFHLSRERVFSED
RARFYGAEIVSALDYLHSEKNVVYRDLKLENLMLDKDGHIKITDFGLCKEGIKDGATMKTFCGTPEYLAPEVLEDNDYGR
AVDWWGLGVVMYEMMCGRLPFYNQDHEKLFELILMEEIRFPRTLGPEAKSLLSGLLKKDPKQRLGGGSEDAKEIMQHRFF
AGIVWQHVYEKKLSPPFKPQVTSETDTRYFDEEFTAQM
;
A
2 'polypeptide(L)'
;QVQLQESGGGLVQAGGSLRLSCAASGIDVRIKTMAWYRQAPGKQRELLASVLVSGSTNYADPVKGRFTISRDNAKNTVYL
QMNKLIPDDTAVYYCNTYGRLRRDVWGPGTQVTVSSHHHHHHEPEA
;
B
#
loop_
_chem_comp.id
_chem_comp.type
_chem_comp.name
_chem_comp.formula
EDO non-polymer 1,2-ETHANEDIOL 'C2 H6 O2'
SO4 non-polymer 'SULFATE ION' 'O4 S -2'
XOO non-polymer 4-{2-[({4-[(2P)-2-(2-aminopyridin-3-yl)-5-phenyl-3H-imidazo[4,5-b]pyridin-3-yl]phenyl}methyl)amino]ethyl}-2-hydroxybenzaldehyde 'C33 H28 N6 O2'
ZN non-polymer 'ZINC ION' 'Zn 2'
#
# COMPACT_ATOMS: atom_id res chain seq x y z
N ASP A 2 15.05 -7.85 -17.92
CA ASP A 2 15.11 -6.62 -18.71
C ASP A 2 13.69 -6.09 -18.91
N VAL A 3 13.54 -4.77 -18.80
CA VAL A 3 12.26 -4.09 -18.95
C VAL A 3 12.31 -3.25 -20.22
N ALA A 4 11.55 -3.66 -21.22
CA ALA A 4 11.51 -2.95 -22.49
C ALA A 4 10.34 -1.97 -22.53
N ILE A 5 10.44 -1.00 -23.43
CA ILE A 5 9.42 0.01 -23.61
C ILE A 5 8.28 -0.54 -24.46
N VAL A 6 7.06 -0.43 -23.96
CA VAL A 6 5.88 -0.94 -24.66
C VAL A 6 5.23 0.16 -25.49
N LYS A 7 5.28 1.40 -25.03
CA LYS A 7 4.78 2.54 -25.76
C LYS A 7 5.41 3.77 -25.13
N GLU A 8 5.80 4.72 -25.96
CA GLU A 8 6.36 5.96 -25.47
C GLU A 8 5.87 7.09 -26.34
N GLY A 9 5.92 8.30 -25.80
CA GLY A 9 5.41 9.44 -26.52
C GLY A 9 5.05 10.56 -25.56
N TRP A 10 4.61 11.67 -26.16
CA TRP A 10 4.32 12.90 -25.42
C TRP A 10 2.89 12.90 -24.92
N LEU A 11 2.71 13.34 -23.67
CA LEU A 11 1.38 13.55 -23.12
C LEU A 11 1.38 14.87 -22.39
N HIS A 12 0.22 15.47 -22.25
CA HIS A 12 0.05 16.57 -21.32
C HIS A 12 -0.39 16.00 -19.97
N LYS A 13 0.41 16.23 -18.93
CA LYS A 13 0.15 15.77 -17.57
C LYS A 13 -0.46 16.90 -16.76
N ARG A 14 -1.57 16.63 -16.09
CA ARG A 14 -2.17 17.64 -15.25
C ARG A 14 -1.28 17.92 -14.02
N GLY A 15 -1.06 19.19 -13.74
CA GLY A 15 -0.26 19.58 -12.61
C GLY A 15 -1.10 19.82 -11.38
N LYS A 16 -0.55 19.47 -10.22
CA LYS A 16 -1.26 19.67 -8.97
C LYS A 16 -0.93 20.99 -8.31
N TYR A 17 0.26 21.52 -8.54
CA TYR A 17 0.73 22.66 -7.78
C TYR A 17 0.88 23.91 -8.63
N ILE A 18 1.51 23.83 -9.80
CA ILE A 18 1.72 25.04 -10.59
C ILE A 18 0.99 24.92 -11.92
N LYS A 19 1.73 24.73 -13.02
CA LYS A 19 1.32 25.08 -14.38
C LYS A 19 0.07 24.39 -14.94
N THR A 20 -0.60 23.56 -14.13
CA THR A 20 -1.83 22.86 -14.53
C THR A 20 -1.64 21.86 -15.67
N TRP A 21 -1.15 22.25 -16.84
CA TRP A 21 -0.97 21.30 -17.94
C TRP A 21 0.45 21.39 -18.48
N ARG A 22 1.21 20.29 -18.39
CA ARG A 22 2.59 20.30 -18.82
C ARG A 22 2.84 19.15 -19.78
N PRO A 23 3.51 19.41 -20.90
CA PRO A 23 3.87 18.30 -21.79
C PRO A 23 4.98 17.50 -21.16
N ARG A 24 4.82 16.19 -21.15
CA ARG A 24 5.87 15.31 -20.64
C ARG A 24 5.99 14.10 -21.55
N TYR A 25 7.20 13.55 -21.61
CA TYR A 25 7.51 12.40 -22.43
C TYR A 25 7.42 11.14 -21.55
N PHE A 26 6.46 10.28 -21.85
CA PHE A 26 6.15 9.13 -21.02
C PHE A 26 6.64 7.85 -21.65
N LEU A 27 7.22 6.98 -20.82
CA LEU A 27 7.49 5.60 -21.20
C LEU A 27 6.56 4.69 -20.41
N LEU A 28 5.85 3.82 -21.12
CA LEU A 28 5.11 2.71 -20.52
C LEU A 28 5.92 1.44 -20.75
N LYS A 29 6.41 0.83 -19.66
CA LYS A 29 7.27 -0.34 -19.75
C LYS A 29 6.51 -1.61 -19.36
N ASN A 30 7.09 -2.76 -19.71
CA ASN A 30 6.39 -4.03 -19.51
C ASN A 30 6.37 -4.49 -18.06
N ASP A 31 7.23 -3.94 -17.19
CA ASP A 31 7.06 -4.19 -15.76
C ASP A 31 5.93 -3.37 -15.14
N GLY A 32 5.20 -2.59 -15.94
CA GLY A 32 4.09 -1.82 -15.43
C GLY A 32 4.40 -0.36 -15.12
N THR A 33 5.66 0.05 -15.11
CA THR A 33 5.97 1.43 -14.78
C THR A 33 5.55 2.37 -15.91
N PHE A 34 4.94 3.47 -15.52
CA PHE A 34 4.48 4.52 -16.44
C PHE A 34 5.05 5.83 -15.89
N ILE A 35 6.08 6.37 -16.54
CA ILE A 35 6.90 7.45 -15.98
C ILE A 35 7.09 8.54 -17.03
N GLY A 36 6.88 9.78 -16.62
CA GLY A 36 6.99 10.94 -17.51
C GLY A 36 8.23 11.75 -17.20
N TYR A 37 8.84 12.30 -18.25
CA TYR A 37 10.06 13.08 -18.11
C TYR A 37 9.88 14.46 -18.73
N LYS A 38 10.69 15.41 -18.24
CA LYS A 38 10.73 16.75 -18.82
C LYS A 38 11.08 16.68 -20.30
N GLU A 39 12.08 15.88 -20.65
CA GLU A 39 12.47 15.64 -22.03
C GLU A 39 12.61 14.13 -22.22
N ARG A 40 12.53 13.71 -23.47
CA ARG A 40 12.79 12.32 -23.80
C ARG A 40 14.18 11.94 -23.29
N PRO A 41 14.32 10.93 -22.44
CA PRO A 41 15.62 10.63 -21.84
C PRO A 41 16.50 9.83 -22.79
N GLN A 42 17.76 9.66 -22.38
CA GLN A 42 18.77 8.98 -23.19
C GLN A 42 18.74 7.48 -22.97
N ASP A 43 19.43 7.02 -21.93
CA ASP A 43 19.50 5.61 -21.58
C ASP A 43 18.11 4.99 -21.44
N GLU A 48 17.96 4.06 -11.59
CA GLU A 48 17.85 3.35 -10.32
C GLU A 48 16.76 2.28 -10.39
N ALA A 49 16.47 1.64 -9.24
CA ALA A 49 15.45 0.59 -9.20
C ALA A 49 14.07 1.20 -9.37
N PRO A 50 13.17 0.53 -10.10
CA PRO A 50 11.87 1.15 -10.41
C PRO A 50 11.00 1.26 -9.18
N LEU A 51 10.32 2.38 -9.06
CA LEU A 51 9.47 2.64 -7.92
C LEU A 51 8.05 2.19 -8.20
N ASN A 52 7.44 1.53 -7.21
CA ASN A 52 6.06 1.09 -7.33
C ASN A 52 5.08 2.25 -7.40
N ASN A 53 5.49 3.46 -7.02
CA ASN A 53 4.61 4.61 -7.15
C ASN A 53 4.17 4.83 -8.58
N PHE A 54 4.94 4.37 -9.55
CA PHE A 54 4.67 4.64 -10.96
C PHE A 54 4.02 3.47 -11.68
N SER A 55 3.65 2.42 -10.96
CA SER A 55 3.13 1.24 -11.62
C SER A 55 1.68 1.44 -12.02
N VAL A 56 1.33 0.94 -13.22
CA VAL A 56 -0.06 0.90 -13.64
C VAL A 56 -0.76 -0.40 -13.27
N ALA A 57 -0.03 -1.35 -12.67
CA ALA A 57 -0.62 -2.62 -12.28
C ALA A 57 -1.84 -2.38 -11.39
N GLN A 58 -2.94 -3.05 -11.72
CA GLN A 58 -4.17 -3.03 -10.92
C GLN A 58 -4.89 -1.67 -10.97
N CYS A 59 -4.60 -0.84 -11.98
CA CYS A 59 -5.25 0.44 -12.16
C CYS A 59 -6.61 0.29 -12.84
N GLN A 60 -7.46 1.29 -12.65
CA GLN A 60 -8.64 1.45 -13.50
C GLN A 60 -8.49 2.72 -14.31
N LEU A 61 -8.95 2.66 -15.57
CA LEU A 61 -8.71 3.68 -16.57
C LEU A 61 -10.03 4.29 -17.03
N MET A 62 -10.21 5.58 -16.80
CA MET A 62 -11.38 6.30 -17.25
C MET A 62 -11.04 7.19 -18.44
N LYS A 63 -11.89 7.20 -19.46
CA LYS A 63 -11.88 8.26 -20.45
C LYS A 63 -12.84 9.34 -20.01
N THR A 64 -12.50 10.59 -20.32
CA THR A 64 -13.35 11.71 -19.94
C THR A 64 -13.11 12.86 -20.91
N GLU A 65 -14.03 13.83 -20.89
CA GLU A 65 -13.99 14.94 -21.82
C GLU A 65 -14.00 16.31 -21.16
N ARG A 66 -14.20 16.39 -19.84
CA ARG A 66 -13.98 17.63 -19.09
C ARG A 66 -12.76 17.48 -18.19
N PRO A 67 -11.98 18.54 -17.98
CA PRO A 67 -12.12 19.92 -18.47
C PRO A 67 -11.46 20.10 -19.84
N ARG A 68 -10.82 19.06 -20.35
CA ARG A 68 -10.22 19.05 -21.67
C ARG A 68 -10.76 17.84 -22.41
N PRO A 69 -10.95 17.94 -23.72
CA PRO A 69 -11.31 16.76 -24.50
C PRO A 69 -10.12 15.81 -24.59
N ASN A 70 -10.42 14.53 -24.79
CA ASN A 70 -9.39 13.51 -24.98
C ASN A 70 -8.48 13.39 -23.76
N THR A 71 -9.05 13.56 -22.58
CA THR A 71 -8.36 13.31 -21.33
C THR A 71 -8.63 11.88 -20.88
N PHE A 72 -7.68 11.33 -20.13
CA PHE A 72 -7.91 10.03 -19.52
C PHE A 72 -7.22 10.00 -18.16
N ILE A 73 -7.69 9.08 -17.32
CA ILE A 73 -7.34 9.02 -15.91
C ILE A 73 -6.88 7.62 -15.57
N ILE A 74 -5.71 7.50 -14.95
CA ILE A 74 -5.31 6.30 -14.23
C ILE A 74 -5.61 6.51 -12.76
N ARG A 75 -6.43 5.62 -12.21
CA ARG A 75 -6.73 5.57 -10.79
C ARG A 75 -6.15 4.28 -10.23
N CYS A 76 -5.41 4.38 -9.13
CA CYS A 76 -4.82 3.24 -8.44
C CYS A 76 -5.04 3.38 -6.94
N LEU A 77 -5.15 2.24 -6.28
CA LEU A 77 -5.07 2.18 -4.82
C LEU A 77 -3.64 1.81 -4.47
N GLN A 78 -2.96 2.70 -3.74
CA GLN A 78 -1.57 2.46 -3.34
C GLN A 78 -1.52 2.30 -1.82
N TRP A 79 -1.35 1.05 -1.37
CA TRP A 79 -1.44 0.73 0.06
C TRP A 79 -2.82 1.15 0.56
N THR A 80 -2.94 2.27 1.28
CA THR A 80 -4.28 2.67 1.73
C THR A 80 -4.76 3.97 1.11
N THR A 81 -4.10 4.45 0.05
CA THR A 81 -4.42 5.73 -0.51
C THR A 81 -4.82 5.57 -1.98
N VAL A 82 -5.97 6.13 -2.34
CA VAL A 82 -6.38 6.22 -3.74
C VAL A 82 -5.71 7.41 -4.39
N ILE A 83 -5.02 7.19 -5.50
CA ILE A 83 -4.43 8.29 -6.26
C ILE A 83 -4.87 8.21 -7.72
N GLU A 84 -4.96 9.39 -8.34
CA GLU A 84 -5.43 9.57 -9.71
C GLU A 84 -4.39 10.37 -10.49
N ARG A 85 -3.99 9.84 -11.65
CA ARG A 85 -3.15 10.56 -12.58
C ARG A 85 -3.96 10.87 -13.84
N THR A 86 -3.97 12.14 -14.23
CA THR A 86 -4.84 12.64 -15.30
C THR A 86 -3.99 13.14 -16.48
N PHE A 87 -4.37 12.74 -17.69
CA PHE A 87 -3.59 13.03 -18.88
C PHE A 87 -4.48 13.52 -20.02
N HIS A 88 -3.85 14.20 -20.99
CA HIS A 88 -4.56 14.75 -22.14
C HIS A 88 -3.75 14.56 -23.40
N VAL A 89 -4.41 14.10 -24.46
CA VAL A 89 -3.79 13.97 -25.77
C VAL A 89 -4.61 14.77 -26.77
N GLU A 90 -4.05 14.94 -27.97
CA GLU A 90 -4.70 15.79 -28.96
C GLU A 90 -5.84 15.08 -29.67
N THR A 91 -5.69 13.80 -29.98
CA THR A 91 -6.78 13.17 -30.72
C THR A 91 -7.36 12.00 -29.94
N PRO A 92 -8.66 11.72 -30.11
CA PRO A 92 -9.25 10.55 -29.44
C PRO A 92 -8.64 9.24 -29.89
N GLU A 93 -8.14 9.17 -31.12
CA GLU A 93 -7.43 7.96 -31.53
C GLU A 93 -6.15 7.78 -30.73
N GLU A 94 -5.46 8.88 -30.43
CA GLU A 94 -4.28 8.81 -29.58
C GLU A 94 -4.64 8.26 -28.20
N ARG A 95 -5.72 8.77 -27.62
CA ARG A 95 -6.12 8.34 -26.29
C ARG A 95 -6.43 6.85 -26.26
N GLU A 96 -6.98 6.32 -27.35
CA GLU A 96 -7.27 4.88 -27.40
C GLU A 96 -5.99 4.06 -27.53
N GLU A 97 -5.00 4.55 -28.27
CA GLU A 97 -3.73 3.84 -28.30
C GLU A 97 -3.14 3.72 -26.90
N TRP A 98 -3.27 4.79 -26.09
CA TRP A 98 -2.64 4.83 -24.78
C TRP A 98 -3.41 4.01 -23.75
N THR A 99 -4.72 4.23 -23.63
CA THR A 99 -5.51 3.44 -22.70
C THR A 99 -5.39 1.96 -23.02
N THR A 100 -5.29 1.62 -24.31
CA THR A 100 -5.25 0.22 -24.68
C THR A 100 -3.89 -0.39 -24.36
N ALA A 101 -2.82 0.32 -24.72
CA ALA A 101 -1.48 -0.11 -24.33
C ALA A 101 -1.38 -0.29 -22.81
N ILE A 102 -1.95 0.64 -22.04
CA ILE A 102 -1.80 0.56 -20.58
C ILE A 102 -2.58 -0.64 -20.04
N GLN A 103 -3.83 -0.81 -20.50
CA GLN A 103 -4.61 -1.97 -20.11
C GLN A 103 -3.91 -3.27 -20.48
N THR A 104 -3.36 -3.33 -21.69
CA THR A 104 -2.69 -4.55 -22.12
C THR A 104 -1.50 -4.87 -21.23
N VAL A 105 -0.71 -3.85 -20.85
CA VAL A 105 0.40 -4.10 -19.94
C VAL A 105 -0.11 -4.54 -18.57
N ALA A 106 -1.17 -3.87 -18.08
CA ALA A 106 -1.70 -4.23 -16.77
C ALA A 106 -2.28 -5.64 -16.75
N ASP A 107 -3.07 -5.97 -17.78
CA ASP A 107 -3.67 -7.30 -17.87
C ASP A 107 -2.60 -8.38 -17.92
N GLY A 108 -1.57 -8.17 -18.76
CA GLY A 108 -0.46 -9.11 -18.80
C GLY A 108 0.25 -9.27 -17.47
N LEU A 109 0.20 -8.24 -16.62
CA LEU A 109 0.82 -8.34 -15.30
C LEU A 109 -0.04 -9.15 -14.35
N LYS A 110 -1.34 -8.84 -14.26
CA LYS A 110 -2.26 -9.67 -13.50
C LYS A 110 -2.22 -11.13 -13.96
N LYS A 111 -2.12 -11.35 -15.26
CA LYS A 111 -2.15 -12.70 -15.81
C LYS A 111 -0.97 -13.53 -15.28
N GLN A 112 0.26 -13.10 -15.59
CA GLN A 112 1.44 -13.87 -15.15
C GLN A 112 1.48 -14.01 -13.63
N GLU A 113 1.02 -13.00 -12.91
CA GLU A 113 0.99 -13.05 -11.45
C GLU A 113 0.03 -14.13 -10.95
N GLU A 114 -1.21 -14.12 -11.46
CA GLU A 114 -2.17 -15.11 -11.02
C GLU A 114 -1.68 -16.52 -11.32
N GLU A 115 -1.14 -16.74 -12.52
CA GLU A 115 -0.59 -18.06 -12.83
C GLU A 115 0.52 -18.46 -11.87
N GLU A 116 1.33 -17.50 -11.42
CA GLU A 116 2.42 -17.87 -10.54
C GLU A 116 1.92 -18.17 -9.13
N MET A 117 0.99 -17.37 -8.60
CA MET A 117 0.56 -17.69 -7.24
C MET A 117 -0.32 -18.93 -7.25
N ASP A 118 -1.12 -19.12 -8.30
CA ASP A 118 -1.88 -20.35 -8.47
C ASP A 118 -0.97 -21.58 -8.45
N ALA A 119 0.24 -21.44 -8.99
CA ALA A 119 1.16 -22.56 -9.08
C ALA A 119 1.87 -22.85 -7.78
N SER A 120 1.95 -21.86 -6.90
CA SER A 120 2.79 -21.93 -5.71
C SER A 120 1.99 -21.86 -4.41
N ALA A 121 0.66 -21.95 -4.46
CA ALA A 121 -0.13 -21.90 -3.23
C ALA A 121 0.04 -23.21 -2.45
N GLU A 122 0.29 -23.10 -1.15
CA GLU A 122 0.76 -24.23 -0.34
C GLU A 122 -0.19 -24.47 0.84
N HIS A 123 -1.37 -25.02 0.58
CA HIS A 123 -2.40 -25.15 1.64
C HIS A 123 -2.57 -23.83 2.39
N THR A 124 -2.30 -22.74 1.67
CA THR A 124 -2.89 -21.42 1.88
C THR A 124 -4.19 -21.27 1.10
N ASP A 125 -4.80 -22.40 0.73
CA ASP A 125 -6.10 -22.43 0.11
C ASP A 125 -7.23 -22.53 1.15
N MET A 126 -6.94 -22.13 2.40
CA MET A 126 -7.97 -21.94 3.41
C MET A 126 -9.04 -20.95 2.94
N GLU A 127 -10.27 -21.17 3.41
CA GLU A 127 -11.31 -20.17 3.24
C GLU A 127 -11.20 -19.16 4.39
N VAL A 137 -15.32 -8.30 10.78
CA VAL A 137 -15.42 -7.00 11.45
C VAL A 137 -16.38 -6.11 10.66
N THR A 138 -17.17 -5.31 11.38
CA THR A 138 -18.19 -4.44 10.80
C THR A 138 -18.09 -3.04 11.38
N MET A 139 -18.72 -2.09 10.70
CA MET A 139 -18.75 -0.70 11.16
C MET A 139 -19.35 -0.57 12.55
N ASN A 140 -20.32 -1.43 12.86
CA ASN A 140 -21.00 -1.40 14.15
C ASN A 140 -20.04 -1.58 15.32
N GLU A 141 -18.89 -2.20 15.08
CA GLU A 141 -17.93 -2.55 16.11
C GLU A 141 -17.09 -1.35 16.56
N PHE A 142 -17.42 -0.13 16.13
CA PHE A 142 -16.52 1.00 16.36
C PHE A 142 -17.32 2.23 16.75
N GLU A 143 -16.71 3.04 17.61
CA GLU A 143 -17.22 4.37 17.95
C GLU A 143 -16.42 5.40 17.15
N TYR A 144 -17.13 6.18 16.33
N TYR A 144 -17.11 6.29 16.44
CA TYR A 144 -16.58 7.39 15.76
CA TYR A 144 -16.43 7.30 15.64
C TYR A 144 -16.23 8.36 16.87
C TYR A 144 -16.30 8.59 16.45
N LEU A 145 -15.05 8.96 16.77
CA LEU A 145 -14.69 9.98 17.74
C LEU A 145 -14.49 11.34 17.11
N LYS A 146 -13.77 11.40 15.98
CA LYS A 146 -13.29 12.68 15.46
C LYS A 146 -12.78 12.52 14.04
N LEU A 147 -13.23 13.43 13.17
CA LEU A 147 -12.70 13.48 11.81
C LEU A 147 -11.22 13.86 11.82
N LEU A 148 -10.39 13.04 11.15
CA LEU A 148 -8.97 13.33 10.99
C LEU A 148 -8.61 13.88 9.62
N GLY A 149 -9.42 13.60 8.59
CA GLY A 149 -9.16 14.11 7.26
C GLY A 149 -10.24 13.70 6.27
N LYS A 150 -10.44 14.50 5.22
CA LYS A 150 -11.36 14.16 4.15
C LYS A 150 -10.63 14.33 2.82
N GLY A 151 -10.73 13.31 1.96
CA GLY A 151 -10.23 13.40 0.61
C GLY A 151 -11.36 13.23 -0.39
N THR A 152 -10.99 13.26 -1.67
CA THR A 152 -11.99 13.13 -2.72
C THR A 152 -12.74 11.82 -2.62
N PHE A 153 -12.04 10.73 -2.31
CA PHE A 153 -12.66 9.41 -2.35
C PHE A 153 -12.74 8.74 -0.98
N GLY A 154 -12.58 9.50 0.10
CA GLY A 154 -12.67 8.87 1.40
C GLY A 154 -12.50 9.86 2.53
N LYS A 155 -12.54 9.32 3.74
CA LYS A 155 -12.27 10.08 4.95
C LYS A 155 -11.48 9.20 5.90
N VAL A 156 -10.82 9.84 6.86
CA VAL A 156 -10.04 9.17 7.90
C VAL A 156 -10.57 9.65 9.23
N ILE A 157 -11.01 8.72 10.10
CA ILE A 157 -11.60 9.07 11.38
C ILE A 157 -10.89 8.35 12.53
N LEU A 158 -10.81 9.03 13.65
CA LEU A 158 -10.34 8.42 14.87
C LEU A 158 -11.50 7.64 15.49
N VAL A 159 -11.30 6.34 15.71
CA VAL A 159 -12.36 5.49 16.24
C VAL A 159 -11.89 4.78 17.50
N LYS A 160 -12.86 4.31 18.28
CA LYS A 160 -12.60 3.47 19.44
C LYS A 160 -13.22 2.11 19.18
N GLU A 161 -12.40 1.08 19.18
CA GLU A 161 -12.89 -0.28 19.00
C GLU A 161 -13.69 -0.69 20.24
N LYS A 162 -15.01 -0.87 20.08
CA LYS A 162 -15.92 -1.04 21.22
C LYS A 162 -15.50 -2.19 22.13
N ALA A 163 -15.23 -3.37 21.55
CA ALA A 163 -14.95 -4.55 22.37
C ALA A 163 -13.72 -4.36 23.25
N THR A 164 -12.71 -3.60 22.78
CA THR A 164 -11.45 -3.50 23.48
C THR A 164 -11.18 -2.15 24.12
N GLY A 165 -11.92 -1.11 23.77
CA GLY A 165 -11.59 0.22 24.25
C GLY A 165 -10.39 0.87 23.59
N ARG A 166 -9.70 0.19 22.65
CA ARG A 166 -8.53 0.74 22.00
C ARG A 166 -8.88 1.74 20.91
N TYR A 167 -7.90 2.60 20.59
CA TYR A 167 -8.08 3.67 19.62
C TYR A 167 -7.33 3.35 18.32
N TYR A 168 -8.00 3.62 17.22
CA TYR A 168 -7.45 3.38 15.89
C TYR A 168 -7.85 4.55 14.99
N ALA A 169 -7.11 4.73 13.92
CA ALA A 169 -7.57 5.55 12.81
C ALA A 169 -8.20 4.63 11.79
N MET A 170 -9.35 5.03 11.27
CA MET A 170 -9.99 4.22 10.25
C MET A 170 -10.12 5.06 8.98
N LYS A 171 -9.56 4.54 7.91
CA LYS A 171 -9.60 5.15 6.59
C LYS A 171 -10.75 4.50 5.83
N ILE A 172 -11.71 5.30 5.39
CA ILE A 172 -12.93 4.80 4.75
C ILE A 172 -12.97 5.30 3.32
N LEU A 173 -12.86 4.39 2.36
CA LEU A 173 -12.76 4.72 0.95
C LEU A 173 -14.04 4.32 0.22
N LYS A 174 -14.35 5.06 -0.84
CA LYS A 174 -15.44 4.68 -1.72
C LYS A 174 -15.08 3.40 -2.46
N LYS A 175 -15.90 2.36 -2.33
CA LYS A 175 -15.50 1.06 -2.85
C LYS A 175 -15.40 1.06 -4.37
N GLU A 176 -16.31 1.76 -5.05
CA GLU A 176 -16.42 1.64 -6.50
C GLU A 176 -15.30 2.34 -7.25
N VAL A 177 -14.45 3.12 -6.58
CA VAL A 177 -13.26 3.69 -7.20
C VAL A 177 -12.03 2.79 -7.05
N ILE A 178 -12.18 1.61 -6.44
CA ILE A 178 -11.07 0.68 -6.21
C ILE A 178 -11.28 -0.62 -6.98
N VAL A 179 -12.43 -1.26 -6.79
CA VAL A 179 -12.80 -2.45 -7.56
C VAL A 179 -13.86 -2.05 -8.60
N LEU A 194 -1.87 -9.11 6.27
CA LEU A 194 -0.85 -10.14 6.05
C LEU A 194 0.31 -9.60 5.22
N GLN A 195 0.02 -8.57 4.42
CA GLN A 195 1.02 -7.90 3.60
C GLN A 195 1.72 -6.76 4.34
N ASN A 196 1.43 -6.60 5.63
CA ASN A 196 1.90 -5.46 6.41
C ASN A 196 3.43 -5.33 6.37
N SER A 197 3.92 -4.26 6.96
CA SER A 197 5.34 -3.99 7.00
C SER A 197 5.89 -4.32 8.38
N ARG A 198 7.09 -4.90 8.39
CA ARG A 198 7.79 -5.13 9.63
C ARG A 198 8.70 -3.95 9.96
N HIS A 199 8.18 -2.73 9.91
CA HIS A 199 8.98 -1.64 10.39
C HIS A 199 8.31 -0.95 11.57
N PRO A 200 9.03 -0.75 12.67
CA PRO A 200 8.38 -0.28 13.90
C PRO A 200 7.92 1.18 13.86
N PHE A 201 8.45 2.02 12.98
CA PHE A 201 8.09 3.42 13.01
C PHE A 201 7.10 3.81 11.90
N LEU A 202 6.59 2.84 11.15
CA LEU A 202 5.54 3.06 10.17
C LEU A 202 4.19 2.69 10.79
N THR A 203 3.11 3.14 10.15
CA THR A 203 1.77 2.87 10.67
C THR A 203 1.29 1.49 10.21
N ALA A 204 1.07 0.61 11.18
CA ALA A 204 0.69 -0.76 10.87
C ALA A 204 -0.81 -0.84 10.59
N LEU A 205 -1.16 -1.65 9.61
CA LEU A 205 -2.55 -1.88 9.25
C LEU A 205 -3.06 -3.02 10.13
N LYS A 206 -4.02 -2.71 11.01
CA LYS A 206 -4.55 -3.75 11.92
C LYS A 206 -5.55 -4.66 11.22
N TYR A 207 -6.76 -4.16 10.90
CA TYR A 207 -7.69 -4.88 10.03
C TYR A 207 -7.97 -4.13 8.73
N SER A 208 -8.53 -4.89 7.80
CA SER A 208 -9.10 -4.40 6.55
C SER A 208 -10.44 -5.10 6.35
N PHE A 209 -11.52 -4.35 6.12
CA PHE A 209 -12.81 -4.97 5.85
C PHE A 209 -13.60 -4.12 4.84
N GLN A 210 -14.68 -4.69 4.31
CA GLN A 210 -15.53 -3.92 3.42
C GLN A 210 -17.00 -4.03 3.82
N THR A 211 -17.75 -2.98 3.49
CA THR A 211 -19.19 -2.91 3.60
C THR A 211 -19.79 -3.02 2.19
N HIS A 212 -21.07 -2.68 2.04
CA HIS A 212 -21.66 -2.77 0.72
C HIS A 212 -21.11 -1.70 -0.21
N ASP A 213 -20.72 -0.53 0.33
CA ASP A 213 -20.22 0.54 -0.54
C ASP A 213 -18.89 1.13 -0.08
N ARG A 214 -18.23 0.57 0.92
CA ARG A 214 -17.00 1.16 1.45
C ARG A 214 -15.93 0.10 1.65
N LEU A 215 -14.67 0.53 1.52
CA LEU A 215 -13.50 -0.23 1.93
C LEU A 215 -12.87 0.48 3.13
N CYS A 216 -12.64 -0.23 4.22
CA CYS A 216 -12.18 0.38 5.46
C CYS A 216 -10.87 -0.24 5.91
N PHE A 217 -9.88 0.61 6.19
CA PHE A 217 -8.60 0.19 6.73
C PHE A 217 -8.50 0.67 8.17
N VAL A 218 -8.27 -0.25 9.10
CA VAL A 218 -8.12 0.11 10.51
C VAL A 218 -6.64 0.03 10.85
N MET A 219 -6.07 1.17 11.25
N MET A 219 -6.07 1.15 11.27
CA MET A 219 -4.63 1.30 11.42
CA MET A 219 -4.63 1.23 11.44
C MET A 219 -4.33 1.84 12.81
C MET A 219 -4.32 1.85 12.79
N GLU A 220 -3.12 1.53 13.28
CA GLU A 220 -2.75 1.95 14.62
C GLU A 220 -2.70 3.46 14.72
N TYR A 221 -2.91 3.94 15.94
CA TYR A 221 -2.92 5.36 16.27
C TYR A 221 -2.05 5.52 17.50
N ALA A 222 -0.91 6.21 17.38
CA ALA A 222 -0.05 6.39 18.55
C ALA A 222 -0.70 7.36 19.53
N ASN A 223 -0.57 7.08 20.84
CA ASN A 223 -1.17 7.96 21.84
C ASN A 223 -0.14 8.75 22.62
N GLY A 224 1.08 8.88 22.11
CA GLY A 224 2.06 9.77 22.70
C GLY A 224 2.01 11.19 22.19
N GLY A 225 0.98 11.55 21.44
CA GLY A 225 0.85 12.93 20.99
C GLY A 225 1.43 13.18 19.61
N GLU A 226 1.15 14.38 19.11
CA GLU A 226 1.61 14.82 17.81
C GLU A 226 2.92 15.57 17.99
N LEU A 227 3.91 15.27 17.14
CA LEU A 227 5.21 15.90 17.30
C LEU A 227 5.13 17.39 16.99
N PHE A 228 4.24 17.78 16.09
CA PHE A 228 4.04 19.20 15.82
C PHE A 228 3.65 19.94 17.11
N PHE A 229 2.82 19.32 17.93
N PHE A 229 2.82 19.32 17.94
CA PHE A 229 2.43 19.90 19.22
CA PHE A 229 2.43 19.90 19.22
C PHE A 229 3.60 19.93 20.19
C PHE A 229 3.60 19.93 20.20
N HIS A 230 4.42 18.87 20.21
CA HIS A 230 5.55 18.84 21.12
C HIS A 230 6.59 19.86 20.74
N LEU A 231 6.91 19.93 19.45
CA LEU A 231 7.85 20.93 18.95
C LEU A 231 7.35 22.34 19.24
N SER A 232 6.05 22.61 19.00
CA SER A 232 5.50 23.94 19.25
C SER A 232 5.66 24.35 20.72
N ARG A 233 5.45 23.42 21.64
CA ARG A 233 5.59 23.73 23.05
C ARG A 233 7.05 23.88 23.46
N GLU A 234 7.94 23.04 22.92
CA GLU A 234 9.36 23.15 23.27
C GLU A 234 10.08 24.25 22.49
N ARG A 235 9.46 24.80 21.46
CA ARG A 235 10.05 25.84 20.61
C ARG A 235 11.11 25.26 19.68
N VAL A 236 12.07 24.50 20.23
CA VAL A 236 13.09 23.86 19.41
C VAL A 236 13.49 22.57 20.10
N PHE A 237 14.00 21.62 19.32
CA PHE A 237 14.67 20.44 19.82
C PHE A 237 16.17 20.65 19.74
N SER A 238 16.90 20.15 20.75
CA SER A 238 18.35 20.12 20.66
C SER A 238 18.77 19.28 19.47
N GLU A 239 20.01 19.50 19.01
CA GLU A 239 20.52 18.69 17.91
C GLU A 239 20.45 17.21 18.26
N ASP A 240 20.68 16.87 19.53
CA ASP A 240 20.64 15.48 19.94
C ASP A 240 19.22 14.91 19.91
N ARG A 241 18.23 15.73 20.27
CA ARG A 241 16.85 15.29 20.19
C ARG A 241 16.42 15.07 18.74
N ALA A 242 16.73 16.05 17.88
CA ALA A 242 16.46 15.91 16.45
C ALA A 242 17.23 14.73 15.84
N ARG A 243 18.43 14.45 16.35
CA ARG A 243 19.21 13.31 15.84
C ARG A 243 18.48 12.01 16.09
N PHE A 244 17.89 11.86 17.28
CA PHE A 244 17.14 10.66 17.61
C PHE A 244 15.92 10.51 16.69
N TYR A 245 15.13 11.59 16.54
CA TYR A 245 13.93 11.46 15.71
C TYR A 245 14.31 11.27 14.25
N GLY A 246 15.33 12.01 13.79
CA GLY A 246 15.75 11.87 12.40
C GLY A 246 16.25 10.48 12.08
N ALA A 247 17.02 9.88 12.99
CA ALA A 247 17.48 8.49 12.80
C ALA A 247 16.31 7.53 12.60
N GLU A 248 15.29 7.62 13.47
CA GLU A 248 14.15 6.73 13.32
C GLU A 248 13.46 6.96 11.98
N ILE A 249 13.31 8.23 11.58
CA ILE A 249 12.73 8.53 10.27
C ILE A 249 13.59 7.95 9.15
N VAL A 250 14.90 8.15 9.23
CA VAL A 250 15.80 7.62 8.19
C VAL A 250 15.64 6.12 8.07
N SER A 251 15.50 5.43 9.21
CA SER A 251 15.40 3.97 9.19
C SER A 251 14.08 3.52 8.57
N ALA A 252 13.00 4.26 8.84
CA ALA A 252 11.71 3.94 8.22
C ALA A 252 11.74 4.20 6.70
N LEU A 253 12.36 5.28 6.27
CA LEU A 253 12.34 5.59 4.84
C LEU A 253 13.26 4.65 4.07
N ASP A 254 14.43 4.34 4.64
CA ASP A 254 15.29 3.30 4.09
C ASP A 254 14.51 2.01 3.86
N TYR A 255 13.73 1.58 4.85
CA TYR A 255 12.92 0.38 4.70
C TYR A 255 11.95 0.51 3.53
N LEU A 256 11.24 1.65 3.44
CA LEU A 256 10.28 1.82 2.35
C LEU A 256 10.99 1.80 1.00
N HIS A 257 12.10 2.54 0.91
CA HIS A 257 12.86 2.67 -0.34
C HIS A 257 13.42 1.33 -0.83
N SER A 258 13.98 0.55 0.08
CA SER A 258 14.78 -0.59 -0.35
C SER A 258 14.08 -1.92 -0.14
N GLU A 259 13.13 -2.03 0.78
CA GLU A 259 12.34 -3.25 0.88
C GLU A 259 11.02 -3.17 0.10
N LYS A 260 10.40 -2.01 0.01
CA LYS A 260 9.11 -1.91 -0.65
C LYS A 260 9.19 -1.24 -2.02
N ASN A 261 10.32 -0.62 -2.36
CA ASN A 261 10.51 0.21 -3.57
C ASN A 261 9.36 1.18 -3.74
N VAL A 262 9.07 1.91 -2.67
CA VAL A 262 8.11 3.01 -2.73
C VAL A 262 8.75 4.23 -2.09
N VAL A 263 8.37 5.39 -2.57
CA VAL A 263 8.67 6.64 -1.90
C VAL A 263 7.42 7.08 -1.15
N TYR A 264 7.63 7.77 -0.03
CA TYR A 264 6.55 8.21 0.83
C TYR A 264 5.88 9.48 0.30
N ARG A 265 6.68 10.49 -0.03
CA ARG A 265 6.22 11.73 -0.65
C ARG A 265 5.31 12.54 0.26
N ASP A 266 5.34 12.28 1.57
CA ASP A 266 4.39 12.97 2.44
C ASP A 266 5.04 13.35 3.78
N LEU A 267 6.36 13.35 3.86
CA LEU A 267 7.01 13.62 5.13
C LEU A 267 6.82 15.08 5.50
N LYS A 268 6.14 15.33 6.61
CA LYS A 268 6.01 16.67 7.17
C LYS A 268 5.83 16.52 8.66
N LEU A 269 6.02 17.63 9.38
CA LEU A 269 6.02 17.54 10.83
C LEU A 269 4.70 16.98 11.34
N GLU A 270 3.59 17.35 10.69
N GLU A 270 3.58 17.37 10.73
CA GLU A 270 2.27 16.95 11.12
CA GLU A 270 2.28 16.92 11.21
C GLU A 270 2.02 15.45 10.92
C GLU A 270 2.04 15.43 10.97
N ASN A 271 2.84 14.77 10.13
CA ASN A 271 2.67 13.34 9.92
C ASN A 271 3.59 12.53 10.83
N LEU A 272 4.10 13.14 11.91
CA LEU A 272 4.93 12.43 12.88
C LEU A 272 4.26 12.48 14.25
N MET A 273 4.02 11.32 14.82
CA MET A 273 3.51 11.24 16.18
C MET A 273 4.49 10.45 17.02
N LEU A 274 4.33 10.51 18.34
CA LEU A 274 5.08 9.67 19.27
C LEU A 274 4.18 8.60 19.86
N ASP A 275 4.77 7.44 20.13
CA ASP A 275 4.01 6.45 20.87
C ASP A 275 4.17 6.68 22.37
N LYS A 276 3.56 5.78 23.15
CA LYS A 276 3.54 5.88 24.59
C LYS A 276 4.93 5.96 25.22
N ASP A 277 5.96 5.47 24.54
CA ASP A 277 7.33 5.46 25.05
C ASP A 277 8.21 6.55 24.46
N GLY A 278 7.70 7.34 23.51
CA GLY A 278 8.52 8.37 22.91
C GLY A 278 9.19 8.01 21.60
N HIS A 279 8.87 6.86 21.01
CA HIS A 279 9.40 6.51 19.71
C HIS A 279 8.50 7.08 18.61
N ILE A 280 9.15 7.44 17.50
CA ILE A 280 8.48 8.06 16.35
C ILE A 280 7.45 7.11 15.74
N LYS A 281 6.35 7.67 15.25
CA LYS A 281 5.44 6.96 14.37
C LYS A 281 5.12 7.87 13.19
N ILE A 282 5.37 7.40 11.98
CA ILE A 282 4.99 8.11 10.76
C ILE A 282 3.57 7.68 10.37
N THR A 283 2.66 8.64 10.20
CA THR A 283 1.27 8.26 10.01
C THR A 283 0.95 8.01 8.54
N ASP A 284 -0.13 7.27 8.32
CA ASP A 284 -0.59 6.89 7.00
C ASP A 284 -2.03 7.32 6.85
N PHE A 285 -2.28 8.58 7.15
CA PHE A 285 -3.64 9.11 7.18
C PHE A 285 -3.93 9.98 5.96
N GLY A 286 -3.04 10.00 4.98
CA GLY A 286 -3.20 10.91 3.86
C GLY A 286 -4.27 10.45 2.90
N LEU A 287 -4.98 11.43 2.34
CA LEU A 287 -5.94 11.20 1.25
C LEU A 287 -5.74 12.26 0.19
N CYS A 288 -5.72 11.84 -1.08
CA CYS A 288 -5.63 12.77 -2.19
C CYS A 288 -6.89 13.64 -2.26
N LYS A 289 -6.69 14.92 -2.58
CA LYS A 289 -7.77 15.90 -2.54
C LYS A 289 -8.11 16.46 -3.92
N GLU A 290 -7.45 15.99 -4.97
CA GLU A 290 -7.76 16.34 -6.36
C GLU A 290 -9.23 16.08 -6.67
N GLY A 291 -10.06 17.12 -6.74
CA GLY A 291 -11.44 16.95 -7.19
C GLY A 291 -12.51 17.02 -6.13
N ILE A 292 -12.19 17.47 -4.92
CA ILE A 292 -13.20 17.63 -3.87
C ILE A 292 -14.22 18.70 -4.28
N THR A 300 -7.41 24.30 -1.74
CA THR A 300 -6.72 23.35 -0.88
C THR A 300 -5.80 22.42 -1.69
N PHE A 301 -4.50 22.52 -1.47
CA PHE A 301 -3.56 21.61 -2.09
C PHE A 301 -3.75 20.19 -1.55
N CYS A 302 -3.05 19.25 -2.16
CA CYS A 302 -3.11 17.89 -1.66
C CYS A 302 -2.29 17.74 -0.39
N GLY A 303 -0.98 17.93 -0.49
CA GLY A 303 -0.13 17.89 0.67
C GLY A 303 -0.11 19.22 1.39
N THR A 304 1.02 19.49 2.03
CA THR A 304 1.27 20.75 2.69
C THR A 304 2.37 21.46 1.91
N PRO A 305 2.09 22.63 1.35
CA PRO A 305 2.99 23.18 0.32
C PRO A 305 4.40 23.42 0.81
N GLU A 306 4.56 23.83 2.07
CA GLU A 306 5.89 24.18 2.53
C GLU A 306 6.83 22.99 2.66
N TYR A 307 6.35 21.75 2.53
CA TYR A 307 7.22 20.59 2.60
C TYR A 307 7.49 19.99 1.23
N LEU A 308 6.93 20.58 0.17
CA LEU A 308 6.99 19.99 -1.15
C LEU A 308 8.39 20.16 -1.72
N ALA A 309 8.94 19.09 -2.31
CA ALA A 309 10.25 19.17 -2.95
C ALA A 309 10.15 19.89 -4.31
N PRO A 310 11.22 20.56 -4.74
CA PRO A 310 11.18 21.27 -6.04
C PRO A 310 10.73 20.40 -7.21
N GLU A 311 11.30 19.21 -7.36
CA GLU A 311 10.92 18.34 -8.48
C GLU A 311 9.44 17.92 -8.42
N VAL A 312 8.81 17.97 -7.24
CA VAL A 312 7.38 17.68 -7.19
C VAL A 312 6.58 18.89 -7.63
N LEU A 313 7.00 20.09 -7.19
CA LEU A 313 6.36 21.34 -7.61
C LEU A 313 6.32 21.45 -9.12
N GLU A 314 7.46 21.24 -9.78
CA GLU A 314 7.57 21.32 -11.22
C GLU A 314 7.06 20.07 -11.94
N ASP A 315 6.58 19.07 -11.21
CA ASP A 315 6.04 17.85 -11.82
C ASP A 315 7.09 17.21 -12.72
N ASN A 316 8.32 17.18 -12.23
CA ASN A 316 9.41 16.53 -12.91
C ASN A 316 9.44 15.06 -12.58
N ASP A 317 10.45 14.38 -13.10
CA ASP A 317 10.70 13.01 -12.69
C ASP A 317 11.30 13.03 -11.28
N TYR A 318 10.70 12.26 -10.39
CA TYR A 318 11.17 12.21 -9.02
C TYR A 318 11.38 10.76 -8.61
N GLY A 319 12.10 10.58 -7.54
CA GLY A 319 12.49 9.27 -7.06
C GLY A 319 12.69 9.33 -5.56
N ARG A 320 13.54 8.44 -5.05
CA ARG A 320 13.74 8.33 -3.61
C ARG A 320 14.17 9.65 -2.99
N ALA A 321 14.76 10.53 -3.78
CA ALA A 321 15.36 11.72 -3.21
C ALA A 321 14.31 12.71 -2.71
N VAL A 322 13.06 12.63 -3.19
CA VAL A 322 12.01 13.50 -2.64
C VAL A 322 11.85 13.28 -1.13
N ASP A 323 12.06 12.04 -0.65
CA ASP A 323 11.92 11.83 0.77
C ASP A 323 13.05 12.48 1.55
N TRP A 324 14.27 12.50 1.01
CA TRP A 324 15.36 13.12 1.74
C TRP A 324 15.22 14.63 1.76
N TRP A 325 14.57 15.22 0.75
CA TRP A 325 14.17 16.62 0.89
C TRP A 325 13.22 16.79 2.07
N GLY A 326 12.23 15.90 2.18
CA GLY A 326 11.28 16.01 3.28
C GLY A 326 11.94 15.86 4.63
N LEU A 327 12.88 14.92 4.74
CA LEU A 327 13.66 14.80 5.96
C LEU A 327 14.34 16.11 6.29
N GLY A 328 14.93 16.78 5.28
CA GLY A 328 15.61 18.04 5.51
C GLY A 328 14.68 19.13 6.02
N VAL A 329 13.48 19.23 5.44
CA VAL A 329 12.55 20.27 5.92
C VAL A 329 12.17 19.99 7.37
N VAL A 330 11.89 18.73 7.69
CA VAL A 330 11.45 18.36 9.03
C VAL A 330 12.58 18.59 10.05
N MET A 331 13.81 18.23 9.71
CA MET A 331 14.86 18.41 10.70
C MET A 331 15.29 19.87 10.84
N TYR A 332 15.25 20.66 9.76
CA TYR A 332 15.46 22.09 9.89
C TYR A 332 14.44 22.69 10.84
N GLU A 333 13.17 22.34 10.63
CA GLU A 333 12.11 22.77 11.51
C GLU A 333 12.37 22.32 12.95
N MET A 334 12.82 21.09 13.13
CA MET A 334 13.07 20.61 14.49
C MET A 334 14.21 21.38 15.16
N MET A 335 15.29 21.64 14.42
CA MET A 335 16.45 22.22 15.06
C MET A 335 16.47 23.74 15.07
N CYS A 336 15.64 24.37 14.23
CA CYS A 336 15.66 25.84 14.11
C CYS A 336 14.42 26.50 14.67
N GLY A 337 13.35 25.74 14.92
CA GLY A 337 12.10 26.25 15.39
C GLY A 337 11.20 26.86 14.33
N ARG A 338 11.62 26.85 13.07
CA ARG A 338 10.80 27.42 12.00
C ARG A 338 11.13 26.70 10.69
N LEU A 339 10.32 26.97 9.68
CA LEU A 339 10.49 26.37 8.36
C LEU A 339 11.70 26.97 7.62
N PRO A 340 12.32 26.21 6.72
CA PRO A 340 13.37 26.81 5.88
C PRO A 340 12.81 27.70 4.78
N PHE A 341 11.56 27.48 4.36
CA PHE A 341 10.88 28.35 3.40
C PHE A 341 9.47 28.60 3.88
N TYR A 342 9.07 29.86 4.00
CA TYR A 342 7.69 30.17 4.33
C TYR A 342 7.27 31.51 3.73
N ASN A 343 6.03 31.56 3.29
CA ASN A 343 5.32 32.77 2.89
C ASN A 343 3.84 32.44 2.85
N GLN A 344 3.01 33.32 3.40
CA GLN A 344 1.57 33.07 3.39
C GLN A 344 1.00 32.99 1.98
N ASP A 345 1.65 33.61 1.00
CA ASP A 345 1.26 33.45 -0.41
C ASP A 345 1.96 32.23 -0.99
N HIS A 346 1.18 31.20 -1.35
CA HIS A 346 1.77 29.95 -1.81
C HIS A 346 2.50 30.10 -3.14
N GLU A 347 2.12 31.09 -3.95
CA GLU A 347 2.87 31.35 -5.17
C GLU A 347 4.27 31.84 -4.85
N LYS A 348 4.42 32.69 -3.83
CA LYS A 348 5.77 33.09 -3.45
C LYS A 348 6.48 32.02 -2.65
N LEU A 349 5.76 31.18 -1.91
CA LEU A 349 6.44 30.10 -1.21
C LEU A 349 7.09 29.15 -2.23
N PHE A 350 6.33 28.76 -3.26
CA PHE A 350 6.88 27.92 -4.32
C PHE A 350 8.15 28.52 -4.92
N GLU A 351 8.15 29.84 -5.16
CA GLU A 351 9.34 30.49 -5.67
C GLU A 351 10.49 30.37 -4.70
N LEU A 352 10.22 30.59 -3.40
CA LEU A 352 11.26 30.36 -2.39
C LEU A 352 11.81 28.95 -2.49
N ILE A 353 10.92 27.94 -2.51
CA ILE A 353 11.37 26.55 -2.56
C ILE A 353 12.22 26.30 -3.82
N LEU A 354 11.81 26.87 -4.94
CA LEU A 354 12.53 26.58 -6.18
C LEU A 354 13.82 27.37 -6.32
N MET A 355 13.88 28.60 -5.80
CA MET A 355 15.00 29.52 -6.11
C MET A 355 15.90 29.85 -4.93
N GLU A 356 15.35 30.08 -3.74
CA GLU A 356 16.10 30.78 -2.72
C GLU A 356 17.04 29.84 -1.98
N GLU A 357 18.29 30.28 -1.79
CA GLU A 357 19.25 29.51 -1.02
C GLU A 357 18.86 29.52 0.46
N ILE A 358 19.24 28.48 1.16
CA ILE A 358 18.78 28.32 2.53
C ILE A 358 19.66 29.10 3.50
N ARG A 359 19.03 29.77 4.48
CA ARG A 359 19.71 30.47 5.54
C ARG A 359 19.50 29.75 6.87
N PHE A 360 20.53 29.79 7.73
CA PHE A 360 20.55 29.05 8.98
C PHE A 360 20.57 29.99 10.18
N PRO A 361 19.86 29.67 11.25
CA PRO A 361 20.03 30.43 12.49
C PRO A 361 21.49 30.46 12.89
N ARG A 362 21.89 31.57 13.50
CA ARG A 362 23.28 31.78 13.86
C ARG A 362 23.80 30.74 14.85
N THR A 363 22.91 30.09 15.62
CA THR A 363 23.32 29.12 16.64
C THR A 363 23.53 27.69 16.14
N LEU A 364 23.13 27.37 14.91
CA LEU A 364 23.23 25.99 14.44
C LEU A 364 24.68 25.58 14.21
N GLY A 365 25.01 24.35 14.61
CA GLY A 365 26.34 23.81 14.45
C GLY A 365 26.64 23.33 13.05
N PRO A 366 27.92 23.15 12.72
CA PRO A 366 28.27 22.87 11.32
C PRO A 366 27.86 21.48 10.84
N GLU A 367 27.89 20.45 11.69
CA GLU A 367 27.39 19.14 11.24
C GLU A 367 25.90 19.21 10.92
N ALA A 368 25.12 19.88 11.76
CA ALA A 368 23.73 20.12 11.42
C ALA A 368 23.61 20.87 10.10
N LYS A 369 24.37 21.96 9.94
CA LYS A 369 24.33 22.74 8.69
C LYS A 369 24.74 21.90 7.49
N SER A 370 25.81 21.12 7.62
CA SER A 370 26.19 20.23 6.53
C SER A 370 25.05 19.30 6.16
N LEU A 371 24.43 18.66 7.16
CA LEU A 371 23.35 17.73 6.89
C LEU A 371 22.20 18.44 6.17
N LEU A 372 21.75 19.55 6.74
CA LEU A 372 20.56 20.19 6.19
C LEU A 372 20.79 20.70 4.77
N SER A 373 21.94 21.32 4.49
CA SER A 373 22.12 21.85 3.15
C SER A 373 22.34 20.73 2.13
N GLY A 374 22.87 19.59 2.57
CA GLY A 374 22.91 18.44 1.68
C GLY A 374 21.52 17.87 1.42
N LEU A 375 20.65 17.90 2.43
CA LEU A 375 19.32 17.33 2.24
C LEU A 375 18.44 18.26 1.42
N LEU A 376 18.72 19.55 1.49
CA LEU A 376 17.90 20.56 0.84
C LEU A 376 18.56 21.12 -0.43
N LYS A 377 19.48 20.38 -1.05
CA LYS A 377 19.91 20.74 -2.40
C LYS A 377 18.71 20.73 -3.32
N LYS A 378 18.60 21.75 -4.18
CA LYS A 378 17.41 21.83 -5.01
C LYS A 378 17.41 20.78 -6.11
N ASP A 379 18.58 20.45 -6.63
CA ASP A 379 18.69 19.41 -7.65
C ASP A 379 18.68 18.04 -7.00
N PRO A 380 17.67 17.21 -7.24
CA PRO A 380 17.69 15.86 -6.65
C PRO A 380 18.96 15.09 -6.97
N LYS A 381 19.53 15.29 -8.16
CA LYS A 381 20.75 14.58 -8.51
C LYS A 381 21.93 14.95 -7.62
N GLN A 382 21.90 16.14 -7.01
CA GLN A 382 22.94 16.58 -6.10
C GLN A 382 22.62 16.32 -4.62
N ARG A 383 21.39 15.95 -4.31
CA ARG A 383 20.91 15.92 -2.94
C ARG A 383 21.52 14.76 -2.16
N LEU A 384 21.87 15.01 -0.90
CA LEU A 384 22.25 13.93 0.00
C LEU A 384 21.16 12.86 0.01
N GLY A 385 21.57 11.60 -0.16
CA GLY A 385 20.65 10.50 -0.33
C GLY A 385 20.18 10.29 -1.75
N GLY A 386 20.44 11.22 -2.65
CA GLY A 386 19.95 11.14 -4.01
C GLY A 386 20.83 10.33 -4.95
N GLY A 387 21.89 9.71 -4.43
CA GLY A 387 22.75 8.87 -5.23
C GLY A 387 22.40 7.40 -5.08
N SER A 388 23.23 6.56 -5.71
CA SER A 388 22.93 5.12 -5.77
C SER A 388 22.76 4.52 -4.37
N GLU A 389 23.49 5.05 -3.38
CA GLU A 389 23.50 4.48 -2.02
C GLU A 389 22.25 4.79 -1.21
N ASP A 390 21.53 5.86 -1.53
CA ASP A 390 20.28 6.25 -0.85
C ASP A 390 20.54 6.43 0.64
N ALA A 391 19.76 5.80 1.54
CA ALA A 391 19.85 6.08 2.96
C ALA A 391 21.26 5.93 3.51
N LYS A 392 22.08 5.04 2.94
CA LYS A 392 23.42 4.83 3.47
C LYS A 392 24.24 6.11 3.44
N GLU A 393 24.08 6.92 2.39
CA GLU A 393 24.69 8.26 2.36
C GLU A 393 24.31 9.09 3.57
N ILE A 394 23.06 9.01 4.02
CA ILE A 394 22.65 9.77 5.19
C ILE A 394 23.15 9.11 6.47
N MET A 395 23.08 7.78 6.54
CA MET A 395 23.52 7.08 7.74
C MET A 395 25.02 7.25 8.00
N GLN A 396 25.80 7.56 6.98
CA GLN A 396 27.23 7.78 7.15
C GLN A 396 27.57 9.25 7.37
N HIS A 397 26.58 10.14 7.29
CA HIS A 397 26.88 11.54 7.48
C HIS A 397 27.32 11.78 8.92
N ARG A 398 28.34 12.63 9.07
CA ARG A 398 28.93 12.79 10.39
C ARG A 398 27.94 13.33 11.42
N PHE A 399 26.82 13.96 11.01
CA PHE A 399 25.78 14.32 11.99
C PHE A 399 25.17 13.08 12.66
N PHE A 400 25.22 11.92 12.02
CA PHE A 400 24.69 10.73 12.67
C PHE A 400 25.77 9.84 13.26
N ALA A 401 27.01 10.33 13.38
CA ALA A 401 28.12 9.48 13.80
C ALA A 401 27.87 8.92 15.20
N GLY A 402 28.06 7.61 15.36
CA GLY A 402 27.85 6.96 16.63
C GLY A 402 26.52 6.25 16.74
N ILE A 403 25.56 6.59 15.87
CA ILE A 403 24.29 5.88 15.80
C ILE A 403 24.53 4.45 15.34
N VAL A 404 24.06 3.49 16.13
CA VAL A 404 24.01 2.08 15.73
C VAL A 404 22.67 1.86 15.07
N TRP A 405 22.67 1.70 13.74
CA TRP A 405 21.40 1.64 13.02
C TRP A 405 20.64 0.35 13.32
N GLN A 406 21.31 -0.69 13.83
CA GLN A 406 20.57 -1.87 14.23
C GLN A 406 19.79 -1.61 15.51
N HIS A 407 20.39 -0.87 16.45
CA HIS A 407 19.67 -0.52 17.67
C HIS A 407 18.52 0.46 17.39
N VAL A 408 18.63 1.28 16.35
CA VAL A 408 17.52 2.15 16.00
C VAL A 408 16.33 1.31 15.56
N TYR A 409 16.57 0.38 14.63
CA TYR A 409 15.50 -0.46 14.14
C TYR A 409 14.87 -1.30 15.25
N GLU A 410 15.65 -1.72 16.24
CA GLU A 410 15.13 -2.57 17.30
C GLU A 410 14.63 -1.77 18.49
N LYS A 411 14.45 -0.46 18.33
CA LYS A 411 13.93 0.41 19.38
C LYS A 411 14.77 0.29 20.64
N LYS A 412 16.06 0.05 20.46
CA LYS A 412 16.97 -0.05 21.59
C LYS A 412 17.58 1.29 21.99
N LEU A 413 17.41 2.33 21.18
CA LEU A 413 17.81 3.66 21.61
C LEU A 413 16.81 4.20 22.63
N SER A 414 17.32 4.96 23.59
CA SER A 414 16.49 5.47 24.67
C SER A 414 15.89 6.80 24.25
N PRO A 415 14.57 6.95 24.28
CA PRO A 415 13.96 8.20 23.80
C PRO A 415 14.32 9.37 24.69
N PRO A 416 14.66 10.51 24.08
CA PRO A 416 14.96 11.73 24.88
C PRO A 416 13.76 12.30 25.61
N PHE A 417 12.55 11.88 25.24
CA PHE A 417 11.35 12.49 25.79
C PHE A 417 10.32 11.39 25.94
N LYS A 418 9.79 11.25 27.14
CA LYS A 418 8.79 10.23 27.41
C LYS A 418 7.44 10.91 27.57
N PRO A 419 6.50 10.72 26.64
CA PRO A 419 5.25 11.48 26.70
C PRO A 419 4.43 11.08 27.92
N GLN A 420 3.52 11.98 28.31
CA GLN A 420 2.81 11.85 29.58
C GLN A 420 1.57 10.96 29.41
N VAL A 421 1.85 9.68 29.16
CA VAL A 421 0.85 8.62 29.15
C VAL A 421 1.52 7.37 29.71
N THR A 422 0.78 6.60 30.51
CA THR A 422 1.30 5.36 31.08
C THR A 422 0.44 4.14 30.70
N SER A 423 -0.41 4.27 29.68
CA SER A 423 -1.19 3.16 29.15
C SER A 423 -1.45 3.42 27.66
N GLU A 424 -1.78 2.34 26.93
CA GLU A 424 -2.09 2.47 25.52
C GLU A 424 -3.44 3.15 25.28
N THR A 425 -4.36 3.08 26.25
CA THR A 425 -5.69 3.66 26.10
C THR A 425 -5.80 5.02 26.80
N ASP A 426 -4.66 5.65 27.11
CA ASP A 426 -4.65 6.97 27.75
C ASP A 426 -4.84 8.05 26.69
N THR A 427 -5.85 8.90 26.90
CA THR A 427 -6.20 9.97 25.96
C THR A 427 -5.70 11.33 26.41
N ARG A 428 -4.49 11.41 26.97
CA ARG A 428 -3.93 12.69 27.38
C ARG A 428 -3.87 13.66 26.20
N TYR A 429 -3.54 13.16 25.01
CA TYR A 429 -3.13 13.99 23.89
C TYR A 429 -4.20 14.12 22.80
N PHE A 430 -5.42 13.65 23.04
CA PHE A 430 -6.57 14.06 22.25
C PHE A 430 -7.46 15.01 23.03
N ASP A 431 -7.85 14.63 24.25
CA ASP A 431 -8.70 15.46 25.11
C ASP A 431 -7.87 16.54 25.81
N GLN B 1 -16.62 -22.10 -21.56
CA GLN B 1 -16.04 -20.82 -21.20
C GLN B 1 -14.78 -21.02 -20.34
N VAL B 2 -14.62 -20.22 -19.30
CA VAL B 2 -13.56 -20.39 -18.31
C VAL B 2 -14.22 -20.71 -16.98
N GLN B 3 -14.09 -21.95 -16.51
CA GLN B 3 -14.92 -22.39 -15.40
C GLN B 3 -14.54 -23.79 -14.93
N LEU B 4 -14.91 -24.08 -13.68
CA LEU B 4 -14.87 -25.42 -13.12
C LEU B 4 -16.30 -25.93 -12.95
N GLN B 5 -16.46 -27.24 -13.14
CA GLN B 5 -17.77 -27.86 -13.07
C GLN B 5 -17.65 -29.08 -12.17
N GLU B 6 -18.47 -29.13 -11.13
CA GLU B 6 -18.46 -30.28 -10.23
C GLU B 6 -19.56 -31.25 -10.65
N SER B 7 -19.31 -32.54 -10.40
CA SER B 7 -20.29 -33.59 -10.67
C SER B 7 -20.01 -34.76 -9.74
N GLY B 8 -20.98 -35.67 -9.67
CA GLY B 8 -20.83 -36.89 -8.90
C GLY B 8 -21.54 -36.94 -7.57
N GLY B 9 -22.36 -35.95 -7.26
CA GLY B 9 -23.06 -35.96 -5.98
C GLY B 9 -24.35 -36.74 -6.04
N GLY B 10 -24.94 -36.93 -4.87
CA GLY B 10 -26.26 -37.54 -4.79
C GLY B 10 -26.53 -38.06 -3.39
N LEU B 11 -27.50 -38.97 -3.32
CA LEU B 11 -27.88 -39.60 -2.06
C LEU B 11 -27.10 -40.89 -1.86
N VAL B 12 -26.67 -41.13 -0.62
CA VAL B 12 -25.80 -42.26 -0.32
C VAL B 12 -25.94 -42.58 1.16
N GLN B 13 -25.84 -43.87 1.48
CA GLN B 13 -26.01 -44.34 2.84
C GLN B 13 -24.74 -44.14 3.64
N ALA B 14 -24.90 -44.04 4.96
CA ALA B 14 -23.76 -43.89 5.85
C ALA B 14 -22.80 -45.05 5.69
N GLY B 15 -21.51 -44.78 5.93
CA GLY B 15 -20.46 -45.75 5.68
C GLY B 15 -20.16 -46.01 4.21
N GLY B 16 -21.00 -45.56 3.30
CA GLY B 16 -20.75 -45.73 1.88
C GLY B 16 -19.67 -44.80 1.36
N SER B 17 -19.57 -44.75 0.03
CA SER B 17 -18.52 -43.98 -0.61
C SER B 17 -19.07 -43.28 -1.85
N LEU B 18 -18.38 -42.20 -2.24
CA LEU B 18 -18.75 -41.38 -3.38
C LEU B 18 -17.51 -40.76 -3.98
N ARG B 19 -17.48 -40.66 -5.31
CA ARG B 19 -16.34 -40.10 -6.06
C ARG B 19 -16.79 -38.82 -6.76
N LEU B 20 -16.28 -37.68 -6.30
CA LEU B 20 -16.61 -36.40 -6.91
C LEU B 20 -15.52 -36.00 -7.90
N SER B 21 -15.94 -35.45 -9.04
CA SER B 21 -15.01 -34.98 -10.04
C SER B 21 -15.29 -33.51 -10.36
N CYS B 22 -14.20 -32.77 -10.61
CA CYS B 22 -14.25 -31.35 -10.96
C CYS B 22 -13.55 -31.17 -12.29
N ALA B 23 -14.33 -30.93 -13.35
CA ALA B 23 -13.83 -30.79 -14.71
C ALA B 23 -13.55 -29.33 -15.02
N ALA B 24 -12.32 -29.04 -15.46
CA ALA B 24 -11.89 -27.68 -15.75
C ALA B 24 -11.84 -27.44 -17.25
N SER B 25 -12.53 -26.38 -17.71
CA SER B 25 -12.48 -25.96 -19.11
C SER B 25 -11.99 -24.52 -19.17
N GLY B 26 -10.96 -24.28 -19.97
CA GLY B 26 -10.31 -22.99 -20.02
C GLY B 26 -9.33 -22.76 -18.89
N ILE B 27 -9.13 -23.76 -18.03
CA ILE B 27 -8.20 -23.69 -16.93
C ILE B 27 -7.40 -24.98 -16.96
N ASP B 28 -6.10 -24.86 -16.68
CA ASP B 28 -5.21 -26.01 -16.70
C ASP B 28 -4.94 -26.43 -15.26
N VAL B 29 -5.38 -27.63 -14.88
CA VAL B 29 -5.23 -28.06 -13.49
C VAL B 29 -3.80 -28.46 -13.16
N ARG B 30 -2.96 -28.67 -14.19
CA ARG B 30 -1.55 -29.01 -13.95
C ARG B 30 -0.80 -27.85 -13.28
N ILE B 31 -1.17 -26.61 -13.64
CA ILE B 31 -0.42 -25.43 -13.21
C ILE B 31 -0.87 -24.85 -11.87
N LYS B 32 -1.88 -25.43 -11.22
CA LYS B 32 -2.51 -24.77 -10.07
C LYS B 32 -2.73 -25.74 -8.92
N THR B 33 -2.32 -25.32 -7.72
CA THR B 33 -2.83 -25.94 -6.49
C THR B 33 -4.35 -26.05 -6.57
N MET B 34 -4.89 -27.25 -6.31
CA MET B 34 -6.32 -27.50 -6.41
C MET B 34 -6.85 -27.94 -5.04
N ALA B 35 -8.08 -27.55 -4.74
CA ALA B 35 -8.62 -27.88 -3.43
C ALA B 35 -10.10 -28.20 -3.51
N TRP B 36 -10.56 -29.04 -2.58
CA TRP B 36 -11.98 -29.30 -2.43
C TRP B 36 -12.48 -28.65 -1.16
N TYR B 37 -13.75 -28.23 -1.21
CA TYR B 37 -14.39 -27.48 -0.15
C TYR B 37 -15.79 -28.05 0.05
N ARG B 38 -16.41 -27.71 1.17
CA ARG B 38 -17.81 -28.04 1.33
C ARG B 38 -18.46 -27.01 2.23
N GLN B 39 -19.76 -26.82 2.04
CA GLN B 39 -20.54 -25.89 2.85
C GLN B 39 -21.90 -26.48 3.13
N ALA B 40 -22.25 -26.52 4.41
CA ALA B 40 -23.51 -27.07 4.89
C ALA B 40 -24.54 -25.96 5.11
N PRO B 41 -25.84 -26.31 5.15
CA PRO B 41 -26.90 -25.29 5.24
C PRO B 41 -26.71 -24.13 6.21
N GLY B 42 -25.99 -24.30 7.31
CA GLY B 42 -25.86 -23.13 8.16
C GLY B 42 -24.46 -22.63 8.44
N LYS B 43 -23.45 -23.36 7.99
CA LYS B 43 -22.09 -23.13 8.46
C LYS B 43 -21.22 -22.48 7.40
N GLN B 44 -20.01 -22.14 7.82
CA GLN B 44 -18.95 -21.63 6.98
C GLN B 44 -18.55 -22.67 5.92
N ARG B 45 -17.95 -22.18 4.83
CA ARG B 45 -17.32 -23.05 3.85
C ARG B 45 -16.00 -23.59 4.41
N GLU B 46 -15.74 -24.88 4.16
CA GLU B 46 -14.69 -25.64 4.82
C GLU B 46 -13.68 -26.13 3.78
N LEU B 47 -12.41 -25.75 3.93
CA LEU B 47 -11.35 -26.45 3.21
C LEU B 47 -11.32 -27.92 3.64
N LEU B 48 -11.24 -28.82 2.66
CA LEU B 48 -11.22 -30.25 2.91
C LEU B 48 -9.89 -30.89 2.56
N ALA B 49 -9.40 -30.62 1.35
CA ALA B 49 -8.23 -31.29 0.79
C ALA B 49 -7.63 -30.38 -0.26
N SER B 50 -6.30 -30.43 -0.37
CA SER B 50 -5.58 -29.74 -1.43
C SER B 50 -4.50 -30.65 -2.00
N VAL B 51 -4.24 -30.48 -3.29
CA VAL B 51 -3.10 -31.12 -3.96
C VAL B 51 -2.28 -30.05 -4.68
N LEU B 52 -1.00 -29.96 -4.34
CA LEU B 52 -0.06 -29.06 -5.01
C LEU B 52 0.30 -29.59 -6.39
N VAL B 53 0.97 -28.74 -7.18
CA VAL B 53 1.43 -29.16 -8.50
C VAL B 53 2.38 -30.35 -8.39
N SER B 54 3.14 -30.44 -7.30
CA SER B 54 4.03 -31.56 -7.08
C SER B 54 3.28 -32.89 -6.93
N GLY B 55 2.00 -32.85 -6.56
CA GLY B 55 1.25 -34.04 -6.26
C GLY B 55 1.07 -34.29 -4.78
N SER B 56 1.79 -33.58 -3.93
CA SER B 56 1.63 -33.75 -2.50
C SER B 56 0.24 -33.32 -2.05
N THR B 57 -0.36 -34.12 -1.16
CA THR B 57 -1.71 -33.90 -0.71
C THR B 57 -1.72 -33.46 0.76
N ASN B 58 -2.86 -32.90 1.16
CA ASN B 58 -3.03 -32.42 2.53
C ASN B 58 -4.51 -32.42 2.85
N TYR B 59 -4.84 -32.77 4.08
CA TYR B 59 -6.23 -33.00 4.47
C TYR B 59 -6.51 -32.32 5.79
N ALA B 60 -7.69 -31.70 5.89
CA ALA B 60 -8.17 -31.26 7.18
C ALA B 60 -8.63 -32.46 7.99
N ASP B 61 -8.66 -32.29 9.31
CA ASP B 61 -8.72 -33.44 10.21
C ASP B 61 -9.98 -34.28 10.08
N PRO B 62 -11.22 -33.72 10.06
CA PRO B 62 -12.42 -34.58 10.07
C PRO B 62 -12.63 -35.40 8.80
N VAL B 63 -11.59 -35.52 7.98
CA VAL B 63 -11.71 -36.10 6.64
C VAL B 63 -10.49 -36.98 6.37
N LYS B 64 -9.38 -36.67 7.03
CA LYS B 64 -8.15 -37.45 6.85
C LYS B 64 -8.40 -38.93 7.16
N GLY B 65 -7.93 -39.79 6.26
CA GLY B 65 -8.14 -41.21 6.41
C GLY B 65 -9.38 -41.76 5.76
N ARG B 66 -10.27 -40.89 5.24
CA ARG B 66 -11.50 -41.37 4.61
C ARG B 66 -11.67 -40.82 3.20
N PHE B 67 -11.17 -39.60 2.97
CA PHE B 67 -11.20 -38.99 1.65
C PHE B 67 -9.78 -38.93 1.10
N THR B 68 -9.65 -39.05 -0.22
CA THR B 68 -8.39 -38.81 -0.89
C THR B 68 -8.60 -37.89 -2.09
N ILE B 69 -7.81 -36.82 -2.17
CA ILE B 69 -7.82 -35.93 -3.32
C ILE B 69 -6.76 -36.41 -4.32
N SER B 70 -7.14 -36.42 -5.60
CA SER B 70 -6.23 -36.79 -6.67
C SER B 70 -6.52 -35.91 -7.89
N ARG B 71 -5.46 -35.64 -8.66
CA ARG B 71 -5.55 -34.86 -9.90
C ARG B 71 -5.07 -35.71 -11.06
N ASP B 72 -5.87 -35.78 -12.12
CA ASP B 72 -5.52 -36.50 -13.34
C ASP B 72 -5.21 -35.48 -14.45
N ASN B 73 -3.91 -35.30 -14.74
CA ASN B 73 -3.50 -34.26 -15.69
C ASN B 73 -4.09 -34.47 -17.07
N ALA B 74 -4.33 -35.72 -17.47
CA ALA B 74 -4.72 -36.01 -18.83
C ALA B 74 -6.12 -35.48 -19.13
N LYS B 75 -7.10 -35.76 -18.28
CA LYS B 75 -8.46 -35.31 -18.53
C LYS B 75 -8.78 -33.98 -17.84
N ASN B 76 -7.76 -33.25 -17.37
CA ASN B 76 -7.93 -31.91 -16.80
C ASN B 76 -9.04 -31.89 -15.75
N THR B 77 -8.80 -32.65 -14.70
CA THR B 77 -9.84 -32.90 -13.70
C THR B 77 -9.19 -33.25 -12.38
N VAL B 78 -9.78 -32.76 -11.29
CA VAL B 78 -9.40 -33.20 -9.97
C VAL B 78 -10.49 -34.14 -9.47
N TYR B 79 -10.12 -35.00 -8.53
CA TYR B 79 -11.07 -35.96 -7.97
C TYR B 79 -11.04 -35.87 -6.45
N LEU B 80 -12.16 -36.25 -5.85
CA LEU B 80 -12.22 -36.42 -4.40
C LEU B 80 -12.93 -37.74 -4.15
N GLN B 81 -12.17 -38.75 -3.73
CA GLN B 81 -12.71 -40.04 -3.39
C GLN B 81 -13.17 -39.98 -1.94
N MET B 82 -14.45 -40.24 -1.70
CA MET B 82 -15.02 -40.09 -0.36
C MET B 82 -15.48 -41.44 0.14
N ASN B 83 -14.86 -41.92 1.21
CA ASN B 83 -15.15 -43.26 1.75
C ASN B 83 -15.57 -43.14 3.21
N LYS B 84 -16.35 -44.13 3.66
CA LYS B 84 -16.86 -44.18 5.03
C LYS B 84 -17.55 -42.86 5.41
N LEU B 85 -18.66 -42.62 4.70
CA LEU B 85 -19.40 -41.37 4.86
C LEU B 85 -20.27 -41.38 6.12
N ILE B 86 -20.29 -40.24 6.80
CA ILE B 86 -20.99 -40.02 8.06
C ILE B 86 -21.99 -38.91 7.74
N PRO B 87 -23.21 -38.89 8.28
CA PRO B 87 -24.14 -37.79 7.95
C PRO B 87 -23.58 -36.39 8.22
N ASP B 88 -22.56 -36.27 9.06
CA ASP B 88 -21.82 -35.02 9.23
C ASP B 88 -21.08 -34.61 7.96
N ASP B 89 -21.12 -35.44 6.91
CA ASP B 89 -20.54 -35.11 5.62
C ASP B 89 -21.54 -34.45 4.67
N THR B 90 -22.81 -34.30 5.07
CA THR B 90 -23.82 -33.78 4.17
C THR B 90 -23.59 -32.28 3.93
N ALA B 91 -23.42 -31.89 2.68
CA ALA B 91 -23.02 -30.54 2.31
C ALA B 91 -23.00 -30.45 0.79
N VAL B 92 -22.84 -29.23 0.29
CA VAL B 92 -22.55 -29.01 -1.12
C VAL B 92 -21.03 -28.87 -1.26
N TYR B 93 -20.45 -29.59 -2.23
CA TYR B 93 -19.00 -29.68 -2.38
C TYR B 93 -18.51 -28.88 -3.58
N TYR B 94 -17.40 -28.15 -3.38
CA TYR B 94 -16.80 -27.30 -4.42
C TYR B 94 -15.31 -27.55 -4.54
N CYS B 95 -14.81 -27.52 -5.78
CA CYS B 95 -13.39 -27.49 -6.08
C CYS B 95 -12.98 -26.08 -6.53
N ASN B 96 -11.72 -25.71 -6.28
CA ASN B 96 -11.29 -24.38 -6.69
C ASN B 96 -9.79 -24.27 -6.79
N THR B 97 -9.36 -23.23 -7.52
CA THR B 97 -8.00 -22.75 -7.59
C THR B 97 -7.80 -21.62 -6.58
N TYR B 98 -6.53 -21.35 -6.27
CA TYR B 98 -6.21 -20.25 -5.35
C TYR B 98 -6.74 -18.93 -5.88
N GLY B 99 -6.53 -18.65 -7.17
CA GLY B 99 -6.93 -17.37 -7.71
C GLY B 99 -8.42 -17.15 -7.63
N ARG B 100 -9.20 -18.14 -8.07
CA ARG B 100 -10.65 -18.04 -7.95
C ARG B 100 -11.09 -17.96 -6.49
N LEU B 101 -10.39 -18.66 -5.60
CA LEU B 101 -10.81 -18.67 -4.21
C LEU B 101 -10.71 -17.28 -3.59
N ARG B 102 -9.59 -16.58 -3.84
CA ARG B 102 -9.47 -15.24 -3.27
C ARG B 102 -10.44 -14.26 -3.93
N ARG B 103 -10.83 -14.51 -5.18
CA ARG B 103 -11.82 -13.66 -5.83
C ARG B 103 -13.24 -14.11 -5.54
N ASP B 104 -13.43 -15.20 -4.82
CA ASP B 104 -14.77 -15.74 -4.49
C ASP B 104 -15.56 -16.16 -5.73
N VAL B 105 -14.85 -16.68 -6.74
CA VAL B 105 -15.48 -17.32 -7.90
C VAL B 105 -15.63 -18.81 -7.63
N TRP B 106 -16.86 -19.31 -7.76
CA TRP B 106 -17.17 -20.71 -7.47
C TRP B 106 -17.99 -21.31 -8.61
N GLY B 107 -17.70 -22.57 -8.92
CA GLY B 107 -18.52 -23.35 -9.81
C GLY B 107 -19.84 -23.67 -9.14
N PRO B 108 -20.66 -24.49 -9.78
CA PRO B 108 -22.01 -24.73 -9.24
C PRO B 108 -22.02 -25.63 -8.01
N GLY B 109 -20.95 -26.37 -7.77
CA GLY B 109 -20.92 -27.33 -6.66
C GLY B 109 -21.78 -28.55 -6.89
N THR B 110 -21.53 -29.64 -6.16
CA THR B 110 -22.43 -30.79 -6.15
C THR B 110 -22.83 -31.12 -4.73
N GLN B 111 -24.11 -31.47 -4.58
CA GLN B 111 -24.70 -31.83 -3.29
C GLN B 111 -24.43 -33.28 -2.93
N VAL B 112 -23.89 -33.49 -1.75
CA VAL B 112 -23.73 -34.82 -1.17
C VAL B 112 -24.64 -34.91 0.05
N THR B 113 -25.47 -35.95 0.10
CA THR B 113 -26.41 -36.18 1.19
C THR B 113 -26.24 -37.59 1.73
N VAL B 114 -25.90 -37.70 3.00
CA VAL B 114 -25.71 -38.97 3.67
C VAL B 114 -26.56 -38.98 4.93
N SER B 115 -27.49 -39.92 5.00
CA SER B 115 -28.31 -40.08 6.20
C SER B 115 -28.78 -41.53 6.28
N SER B 116 -28.78 -42.06 7.49
CA SER B 116 -29.42 -43.34 7.81
C SER B 116 -29.19 -43.66 9.29
C1 EDO C . 7.31 24.53 13.84
O1 EDO C . 8.15 25.53 13.26
C2 EDO C . 6.74 24.98 15.17
O2 EDO C . 5.38 24.54 15.26
N1 XOO D . 2.57 2.00 6.35
C2 XOO D . 3.65 5.20 7.30
C3 XOO D . 4.10 5.77 6.13
C21 XOO D . -0.07 10.85 -2.75
C22 XOO D . 0.64 10.82 -3.95
C4 XOO D . 4.05 5.03 4.97
C5 XOO D . 3.53 3.74 5.00
C6 XOO D . 3.47 2.91 3.78
C1 XOO D . 3.08 3.23 6.25
C10 XOO D . 3.06 1.16 -0.29
C11 XOO D . 3.20 2.34 1.67
C12 XOO D . 2.83 4.72 2.05
C13 XOO D . 1.87 5.43 2.74
C14 XOO D . 1.47 6.66 2.25
C15 XOO D . 2.03 7.19 1.11
C16 XOO D . 2.98 6.44 0.42
C17 XOO D . 3.39 5.21 0.90
C18 XOO D . 1.59 8.52 0.58
C19 XOO D . 1.73 9.98 -1.35
C20 XOO D . 0.26 9.88 -1.66
C23 XOO D . 0.36 11.71 -4.95
C24 XOO D . -0.61 12.71 -4.76
C25 XOO D . -0.89 13.63 -5.87
C26 XOO D . -1.32 12.74 -3.55
C27 XOO D . -1.03 11.83 -2.55
C28 XOO D . 2.79 1.24 -1.75
C29 XOO D . 2.79 2.47 -2.40
C30 XOO D . 2.55 2.58 -3.75
C31 XOO D . 2.26 1.45 -4.48
C32 XOO D . 2.23 0.22 -3.86
C33 XOO D . 2.49 0.11 -2.50
C7 XOO D . 3.51 1.23 2.42
C8 XOO D . 3.60 0.00 1.77
C9 XOO D . 3.37 -0.02 0.40
N2 XOO D . 3.13 3.97 7.38
N3 XOO D . 3.67 1.61 3.75
N4 XOO D . 2.95 2.35 0.36
N5 XOO D . 3.20 3.41 2.52
N6 XOO D . 2.19 8.74 -0.73
O2 XOO D . -2.28 13.67 -3.26
S SO4 E . 1.67 13.30 -9.41
O1 SO4 E . 0.41 13.41 -10.14
O2 SO4 E . 1.79 14.41 -8.46
O3 SO4 E . 1.71 12.01 -8.70
O4 SO4 E . 2.79 13.33 -10.34
S SO4 F . 22.90 -6.60 10.43
O1 SO4 F . 22.82 -5.24 9.90
O2 SO4 F . 23.23 -6.57 11.85
O3 SO4 F . 21.61 -7.28 10.24
O4 SO4 F . 23.98 -7.31 9.73
S SO4 G . 15.75 18.03 24.71
O1 SO4 G . 15.66 18.90 23.51
O2 SO4 G . 15.99 18.88 25.88
O3 SO4 G . 14.49 17.32 24.89
O4 SO4 G . 16.86 17.06 24.66
S SO4 H . 11.06 13.87 -29.87
O1 SO4 H . 10.66 15.26 -30.06
O2 SO4 H . 11.37 13.62 -28.47
O3 SO4 H . 9.95 13.00 -30.30
O4 SO4 H . 12.27 13.60 -30.66
S SO4 I . 7.23 22.96 -17.81
O1 SO4 I . 5.85 23.09 -18.28
O2 SO4 I . 7.82 24.28 -17.61
O3 SO4 I . 7.28 22.22 -16.55
O4 SO4 I . 8.02 22.20 -18.79
S SO4 J . 14.26 35.73 7.98
O1 SO4 J . 14.93 36.95 7.49
O2 SO4 J . 12.87 35.72 7.57
O3 SO4 J . 14.37 35.72 9.44
O4 SO4 J . 14.93 34.55 7.43
ZN ZN K . -3.46 14.46 -4.44
#